data_5KTO
#
_entry.id   5KTO
#
_cell.length_a   49.900
_cell.length_b   52.424
_cell.length_c   55.313
_cell.angle_alpha   90.00
_cell.angle_beta   115.79
_cell.angle_gamma   90.00
#
_symmetry.space_group_name_H-M   'P 1 21 1'
#
loop_
_entity.id
_entity.type
_entity.pdbx_description
1 polymer 'Quinolinate synthase A'
2 non-polymer 'IRON/SULFUR CLUSTER'
3 non-polymer 'QUINOLINIC ACID'
4 non-polymer '4-(2-HYDROXYETHYL)-1-PIPERAZINE ETHANESULFONIC ACID'
5 non-polymer 'CHLORIDE ION'
6 water water
#
_entity_poly.entity_id   1
_entity_poly.type   'polypeptide(L)'
_entity_poly.pdbx_seq_one_letter_code
;GSFTMDLVEEILRLKEERNAIILAHNYQLPEVQDIADFIGDSLELARRATRVDADVIVFAGVDFMAETAKILNPDKVVLI
PSREATCAMANMLKVEHILEAKRKYPNAPVVLYVNSTAEAKAYADVTVTSANAVEVVKKLDSDVVIFGPDKNLAHYVAKM
TGKKIIPVPSKGHCYVHQKFTLDDVERAKKLHPNAKLMIHPECIPEVQEKADIIASTGGMIKRACEWDEWVVFTEREMVY
RLRKLYPQKKFYPAREDAFCIGMKAITLKNIYESLKDMKYKVEVPEEIARKARKAIERMLEMSK
;
_entity_poly.pdbx_strand_id   A
#
# COMPACT_ATOMS: atom_id res chain seq x y z
N ASP A 6 30.34 2.08 0.51
CA ASP A 6 29.65 1.36 -0.55
C ASP A 6 28.45 2.16 -1.05
N LEU A 7 27.40 1.45 -1.48
CA LEU A 7 26.24 2.12 -2.04
C LEU A 7 25.58 3.03 -1.01
N VAL A 8 25.56 2.61 0.25
CA VAL A 8 24.88 3.41 1.27
C VAL A 8 25.52 4.79 1.38
N GLU A 9 26.86 4.83 1.45
CA GLU A 9 27.56 6.09 1.57
C GLU A 9 27.30 6.98 0.35
N GLU A 10 27.32 6.39 -0.84
CA GLU A 10 27.11 7.18 -2.05
C GLU A 10 25.67 7.67 -2.15
N ILE A 11 24.72 6.81 -1.79
CA ILE A 11 23.32 7.19 -1.80
C ILE A 11 23.09 8.39 -0.88
N LEU A 12 23.65 8.33 0.33
CA LEU A 12 23.43 9.41 1.29
C LEU A 12 24.04 10.72 0.81
N ARG A 13 25.22 10.67 0.19
N ARG A 13 25.21 10.66 0.17
CA ARG A 13 25.81 11.88 -0.36
CA ARG A 13 25.81 11.88 -0.36
C ARG A 13 24.94 12.47 -1.46
C ARG A 13 25.00 12.47 -1.50
N LEU A 14 24.46 11.62 -2.38
CA LEU A 14 23.63 12.11 -3.46
C LEU A 14 22.28 12.62 -2.97
N LYS A 15 21.73 12.00 -1.93
N LYS A 15 21.73 12.00 -1.93
CA LYS A 15 20.48 12.49 -1.37
CA LYS A 15 20.48 12.50 -1.36
C LYS A 15 20.64 13.94 -0.91
C LYS A 15 20.63 13.93 -0.89
N GLU A 16 21.76 14.24 -0.24
CA GLU A 16 22.03 15.62 0.16
C GLU A 16 22.21 16.52 -1.06
N GLU A 17 22.99 16.08 -2.06
N GLU A 17 23.01 16.09 -2.04
CA GLU A 17 23.24 16.90 -3.24
CA GLU A 17 23.23 16.90 -3.25
C GLU A 17 21.98 17.21 -4.02
C GLU A 17 21.92 17.26 -3.93
N ARG A 18 21.01 16.29 -4.03
CA ARG A 18 19.77 16.47 -4.77
C ARG A 18 18.65 17.12 -3.95
N ASN A 19 18.91 17.43 -2.69
N ASN A 19 18.89 17.42 -2.68
CA ASN A 19 17.87 17.84 -1.74
CA ASN A 19 17.83 17.88 -1.77
C ASN A 19 16.67 16.91 -1.84
C ASN A 19 16.64 16.91 -1.81
N ALA A 20 16.95 15.62 -1.69
CA ALA A 20 15.98 14.57 -1.89
C ALA A 20 15.59 13.89 -0.59
N ILE A 21 14.40 13.30 -0.60
N ILE A 21 14.39 13.35 -0.57
CA ILE A 21 13.90 12.46 0.49
CA ILE A 21 14.02 12.40 0.45
C ILE A 21 13.55 11.09 -0.12
C ILE A 21 13.80 11.06 -0.22
N ILE A 22 13.87 10.02 0.58
CA ILE A 22 13.52 8.67 0.17
C ILE A 22 12.32 8.23 1.00
N LEU A 23 11.21 7.97 0.33
CA LEU A 23 10.01 7.41 0.95
C LEU A 23 9.94 5.94 0.58
N ALA A 24 9.75 5.07 1.57
CA ALA A 24 9.75 3.64 1.34
C ALA A 24 8.47 3.01 1.89
N HIS A 25 7.97 2.02 1.16
CA HIS A 25 6.87 1.22 1.66
C HIS A 25 7.37 0.15 2.62
N ASN A 26 6.47 -0.27 3.52
CA ASN A 26 6.72 -1.34 4.49
C ASN A 26 7.24 -2.64 3.85
N TYR A 27 6.95 -2.88 2.58
CA TYR A 27 7.37 -4.12 1.94
C TYR A 27 8.72 -4.02 1.24
N GLN A 28 9.41 -2.90 1.36
CA GLN A 28 10.74 -2.80 0.76
C GLN A 28 11.73 -3.69 1.51
N LEU A 29 12.80 -4.07 0.81
CA LEU A 29 13.86 -4.85 1.43
C LEU A 29 14.37 -4.16 2.70
N PRO A 30 14.78 -4.94 3.71
CA PRO A 30 15.33 -4.32 4.91
C PRO A 30 16.43 -3.30 4.64
N GLU A 31 17.37 -3.62 3.76
CA GLU A 31 18.47 -2.70 3.50
C GLU A 31 17.97 -1.40 2.85
N VAL A 32 16.84 -1.46 2.16
CA VAL A 32 16.23 -0.26 1.60
C VAL A 32 15.48 0.53 2.66
N GLN A 33 14.70 -0.18 3.50
CA GLN A 33 14.06 0.50 4.63
C GLN A 33 15.09 1.24 5.47
N ASP A 34 16.27 0.62 5.65
CA ASP A 34 17.30 1.21 6.51
C ASP A 34 17.86 2.53 5.99
N ILE A 35 17.75 2.83 4.68
CA ILE A 35 18.21 4.11 4.17
C ILE A 35 17.09 5.11 3.92
N ALA A 36 15.83 4.71 4.10
CA ALA A 36 14.71 5.60 3.83
C ALA A 36 14.58 6.66 4.92
N ASP A 37 14.10 7.83 4.51
CA ASP A 37 13.78 8.88 5.49
C ASP A 37 12.44 8.64 6.17
N PHE A 38 11.52 7.95 5.51
CA PHE A 38 10.19 7.70 6.04
C PHE A 38 9.76 6.36 5.49
N ILE A 39 9.14 5.53 6.33
CA ILE A 39 8.61 4.22 5.95
C ILE A 39 7.14 4.19 6.34
N GLY A 40 6.29 3.65 5.47
CA GLY A 40 4.88 3.56 5.82
C GLY A 40 4.10 2.66 4.88
N ASP A 41 2.83 2.47 5.23
CA ASP A 41 1.85 1.89 4.32
C ASP A 41 1.43 2.92 3.28
N SER A 42 0.53 2.52 2.38
CA SER A 42 0.15 3.43 1.29
C SER A 42 -0.56 4.66 1.81
N LEU A 43 -1.40 4.51 2.83
CA LEU A 43 -2.08 5.67 3.40
C LEU A 43 -1.09 6.64 4.02
N GLU A 44 -0.15 6.12 4.82
CA GLU A 44 0.84 6.97 5.47
C GLU A 44 1.76 7.62 4.45
N LEU A 45 2.10 6.90 3.37
CA LEU A 45 2.92 7.48 2.33
C LEU A 45 2.19 8.60 1.61
N ALA A 46 0.89 8.41 1.32
CA ALA A 46 0.11 9.49 0.73
C ALA A 46 0.08 10.72 1.65
N ARG A 47 -0.16 10.49 2.94
CA ARG A 47 -0.22 11.62 3.87
C ARG A 47 1.14 12.30 3.98
N ARG A 48 2.21 11.52 4.01
CA ARG A 48 3.55 12.10 4.14
C ARG A 48 3.91 12.92 2.91
N ALA A 49 3.39 12.54 1.74
CA ALA A 49 3.63 13.28 0.51
C ALA A 49 3.01 14.67 0.51
N THR A 50 2.09 14.97 1.43
CA THR A 50 1.48 16.29 1.51
C THR A 50 2.25 17.25 2.43
N ARG A 51 3.39 16.83 2.97
CA ARG A 51 4.24 17.72 3.75
C ARG A 51 5.70 17.60 3.34
N VAL A 52 5.94 17.41 2.04
CA VAL A 52 7.29 17.28 1.54
C VAL A 52 7.87 18.66 1.34
N ASP A 53 8.98 18.95 2.01
CA ASP A 53 9.71 20.17 1.76
C ASP A 53 11.00 19.96 0.98
N ALA A 54 11.46 18.72 0.83
CA ALA A 54 12.56 18.42 -0.07
C ALA A 54 12.16 18.77 -1.50
N ASP A 55 13.16 18.89 -2.37
CA ASP A 55 12.90 19.18 -3.77
C ASP A 55 12.63 17.94 -4.61
N VAL A 56 13.19 16.79 -4.23
CA VAL A 56 13.11 15.56 -4.98
C VAL A 56 12.57 14.46 -4.06
N ILE A 57 11.68 13.63 -4.59
CA ILE A 57 11.17 12.46 -3.88
C ILE A 57 11.63 11.23 -4.64
N VAL A 58 12.43 10.39 -4.00
CA VAL A 58 12.78 9.08 -4.54
C VAL A 58 11.83 8.08 -3.90
N PHE A 59 11.02 7.40 -4.71
CA PHE A 59 9.96 6.55 -4.19
C PHE A 59 10.40 5.09 -4.23
N ALA A 60 10.73 4.54 -3.05
CA ALA A 60 11.06 3.13 -2.93
C ALA A 60 9.74 2.40 -2.73
N GLY A 61 9.07 2.16 -3.83
CA GLY A 61 7.75 1.58 -3.85
C GLY A 61 7.37 1.31 -5.28
N VAL A 62 6.08 1.15 -5.53
CA VAL A 62 5.62 0.80 -6.87
C VAL A 62 5.20 2.05 -7.64
N ASP A 63 5.12 1.91 -8.97
CA ASP A 63 4.96 3.08 -9.83
C ASP A 63 3.71 3.88 -9.49
N PHE A 64 2.59 3.22 -9.18
CA PHE A 64 1.37 3.99 -8.94
C PHE A 64 1.42 4.75 -7.62
N MET A 65 2.22 4.25 -6.64
CA MET A 65 2.48 5.02 -5.42
C MET A 65 3.29 6.25 -5.74
N ALA A 66 4.31 6.11 -6.58
CA ALA A 66 5.08 7.27 -6.99
C ALA A 66 4.19 8.26 -7.73
N GLU A 67 3.24 7.76 -8.53
CA GLU A 67 2.30 8.64 -9.20
C GLU A 67 1.44 9.40 -8.21
N THR A 68 0.95 8.72 -7.16
CA THR A 68 0.20 9.41 -6.13
C THR A 68 1.02 10.54 -5.51
N ALA A 69 2.29 10.26 -5.20
CA ALA A 69 3.17 11.31 -4.68
C ALA A 69 3.32 12.46 -5.67
N LYS A 70 3.41 12.16 -6.97
CA LYS A 70 3.55 13.22 -7.97
C LYS A 70 2.25 14.02 -8.10
N ILE A 71 1.11 13.33 -8.06
CA ILE A 71 -0.17 14.04 -8.10
C ILE A 71 -0.26 15.05 -6.96
N LEU A 72 0.23 14.67 -5.78
CA LEU A 72 0.22 15.54 -4.62
C LEU A 72 1.34 16.57 -4.63
N ASN A 73 2.33 16.44 -5.53
CA ASN A 73 3.48 17.34 -5.58
C ASN A 73 3.83 17.64 -7.03
N PRO A 74 2.95 18.33 -7.76
CA PRO A 74 3.26 18.61 -9.17
C PRO A 74 4.56 19.39 -9.36
N ASP A 75 4.93 20.23 -8.40
CA ASP A 75 6.12 21.06 -8.52
C ASP A 75 7.39 20.42 -7.96
N LYS A 76 7.37 19.13 -7.65
CA LYS A 76 8.57 18.44 -7.19
C LYS A 76 8.90 17.32 -8.14
N VAL A 77 10.19 17.00 -8.25
CA VAL A 77 10.62 15.87 -9.06
C VAL A 77 10.40 14.61 -8.26
N VAL A 78 9.66 13.67 -8.85
CA VAL A 78 9.41 12.36 -8.25
C VAL A 78 10.08 11.32 -9.13
N LEU A 79 10.92 10.47 -8.52
CA LEU A 79 11.69 9.47 -9.24
C LEU A 79 11.25 8.09 -8.80
N ILE A 80 11.01 7.21 -9.77
CA ILE A 80 10.81 5.78 -9.52
C ILE A 80 12.08 5.06 -9.98
N PRO A 81 12.74 4.29 -9.11
CA PRO A 81 14.03 3.71 -9.51
C PRO A 81 13.93 2.67 -10.61
N SER A 82 12.80 2.01 -10.76
CA SER A 82 12.59 1.06 -11.85
C SER A 82 11.16 1.19 -12.31
N ARG A 83 10.94 1.31 -13.62
CA ARG A 83 9.59 1.34 -14.14
C ARG A 83 8.92 -0.03 -14.13
N GLU A 84 9.64 -1.07 -13.74
CA GLU A 84 9.05 -2.40 -13.54
C GLU A 84 8.60 -2.63 -12.09
N ALA A 85 8.74 -1.65 -11.22
CA ALA A 85 8.18 -1.74 -9.88
C ALA A 85 6.70 -1.42 -10.02
N THR A 86 5.86 -2.45 -10.06
N THR A 86 5.87 -2.47 -10.03
CA THR A 86 4.44 -2.24 -10.30
CA THR A 86 4.46 -2.35 -10.39
C THR A 86 3.60 -3.18 -9.45
C THR A 86 3.62 -3.15 -9.41
N CYS A 87 2.30 -2.89 -9.44
CA CYS A 87 1.33 -3.54 -8.57
C CYS A 87 0.40 -4.41 -9.40
N ALA A 88 0.49 -5.73 -9.21
CA ALA A 88 -0.36 -6.63 -10.00
C ALA A 88 -1.83 -6.41 -9.69
N MET A 89 -2.17 -6.05 -8.45
CA MET A 89 -3.57 -5.84 -8.13
C MET A 89 -4.12 -4.63 -8.86
N ALA A 90 -3.40 -3.50 -8.80
CA ALA A 90 -3.85 -2.29 -9.49
C ALA A 90 -3.98 -2.53 -10.99
N ASN A 91 -3.09 -3.35 -11.56
CA ASN A 91 -3.13 -3.62 -12.99
C ASN A 91 -4.38 -4.37 -13.40
N MET A 92 -5.05 -5.05 -12.47
CA MET A 92 -6.25 -5.80 -12.84
C MET A 92 -7.43 -4.89 -13.13
N LEU A 93 -7.44 -3.67 -12.59
CA LEU A 93 -8.57 -2.76 -12.74
C LEU A 93 -8.37 -1.89 -13.98
N LYS A 94 -9.33 -1.95 -14.89
CA LYS A 94 -9.34 -1.15 -16.10
C LYS A 94 -10.49 -0.16 -16.07
N VAL A 95 -10.35 0.93 -16.83
CA VAL A 95 -11.42 1.94 -16.88
C VAL A 95 -12.74 1.33 -17.35
N GLU A 96 -12.69 0.35 -18.25
CA GLU A 96 -13.91 -0.29 -18.71
C GLU A 96 -14.69 -0.95 -17.57
N HIS A 97 -13.99 -1.43 -16.54
CA HIS A 97 -14.68 -1.99 -15.38
C HIS A 97 -15.44 -0.91 -14.61
N ILE A 98 -14.83 0.27 -14.45
CA ILE A 98 -15.45 1.35 -13.71
C ILE A 98 -16.65 1.89 -14.47
N LEU A 99 -16.47 2.19 -15.76
CA LEU A 99 -17.58 2.70 -16.56
C LEU A 99 -18.76 1.76 -16.54
N GLU A 100 -18.49 0.45 -16.66
CA GLU A 100 -19.56 -0.55 -16.65
C GLU A 100 -20.35 -0.51 -15.36
N ALA A 101 -19.65 -0.42 -14.22
CA ALA A 101 -20.35 -0.41 -12.94
C ALA A 101 -21.12 0.87 -12.72
N LYS A 102 -20.58 2.01 -13.17
CA LYS A 102 -21.28 3.28 -12.99
C LYS A 102 -22.61 3.32 -13.75
N ARG A 103 -22.70 2.61 -14.88
CA ARG A 103 -23.96 2.57 -15.61
C ARG A 103 -25.00 1.68 -14.92
N LYS A 104 -24.55 0.64 -14.23
CA LYS A 104 -25.49 -0.18 -13.47
C LYS A 104 -25.90 0.48 -12.16
N TYR A 105 -25.02 1.28 -11.56
CA TYR A 105 -25.29 1.97 -10.29
C TYR A 105 -24.88 3.43 -10.44
N PRO A 106 -25.69 4.23 -11.14
CA PRO A 106 -25.28 5.62 -11.44
C PRO A 106 -25.20 6.51 -10.23
N ASN A 107 -25.79 6.12 -9.11
CA ASN A 107 -25.75 6.93 -7.89
C ASN A 107 -24.79 6.39 -6.85
N ALA A 108 -24.06 5.31 -7.15
CA ALA A 108 -23.11 4.78 -6.18
C ALA A 108 -21.79 5.55 -6.23
N PRO A 109 -21.22 5.89 -5.08
CA PRO A 109 -19.88 6.45 -5.09
C PRO A 109 -18.89 5.40 -5.54
N VAL A 110 -17.83 5.86 -6.20
CA VAL A 110 -16.76 5.00 -6.71
C VAL A 110 -15.55 5.17 -5.80
N VAL A 111 -15.13 4.07 -5.17
CA VAL A 111 -14.16 4.10 -4.07
C VAL A 111 -13.03 3.18 -4.48
N LEU A 112 -11.86 3.76 -4.76
CA LEU A 112 -10.77 3.01 -5.37
C LEU A 112 -9.51 3.11 -4.55
N TYR A 113 -8.74 2.03 -4.58
CA TYR A 113 -7.46 1.99 -3.89
C TYR A 113 -6.58 3.14 -4.36
N VAL A 114 -5.89 3.76 -3.41
CA VAL A 114 -5.15 4.99 -3.68
C VAL A 114 -4.02 4.78 -4.68
N ASN A 115 -3.54 3.56 -4.84
CA ASN A 115 -2.48 3.29 -5.80
C ASN A 115 -2.98 2.46 -6.99
N SER A 116 -4.24 2.67 -7.36
CA SER A 116 -4.72 2.30 -8.67
C SER A 116 -4.04 3.16 -9.73
N THR A 117 -4.29 2.87 -11.00
CA THR A 117 -3.73 3.72 -12.05
C THR A 117 -4.29 5.13 -11.90
N ALA A 118 -3.52 6.10 -12.39
CA ALA A 118 -3.96 7.49 -12.37
C ALA A 118 -5.30 7.65 -13.09
N GLU A 119 -5.44 7.00 -14.25
CA GLU A 119 -6.69 7.07 -15.00
C GLU A 119 -7.86 6.55 -14.17
N ALA A 120 -7.66 5.43 -13.47
CA ALA A 120 -8.73 4.91 -12.63
C ALA A 120 -9.07 5.89 -11.51
N LYS A 121 -8.04 6.48 -10.88
CA LYS A 121 -8.27 7.38 -9.76
C LYS A 121 -9.02 8.63 -10.19
N ALA A 122 -8.89 9.02 -11.46
CA ALA A 122 -9.66 10.14 -11.97
C ALA A 122 -11.17 9.89 -11.91
N TYR A 123 -11.60 8.63 -11.89
CA TYR A 123 -13.01 8.28 -11.78
C TYR A 123 -13.46 8.03 -10.34
N ALA A 124 -12.55 8.03 -9.39
CA ALA A 124 -12.90 7.79 -8.01
C ALA A 124 -13.53 9.05 -7.41
N ASP A 125 -14.58 8.85 -6.61
CA ASP A 125 -15.07 9.94 -5.77
C ASP A 125 -14.17 10.13 -4.55
N VAL A 126 -13.64 9.04 -4.01
CA VAL A 126 -12.68 9.10 -2.93
C VAL A 126 -11.80 7.87 -3.06
N THR A 127 -10.53 8.01 -2.67
CA THR A 127 -9.66 6.84 -2.62
C THR A 127 -9.64 6.28 -1.20
N VAL A 128 -9.17 5.03 -1.09
CA VAL A 128 -9.00 4.36 0.19
C VAL A 128 -7.73 3.51 0.14
N THR A 129 -7.33 3.03 1.31
CA THR A 129 -6.46 1.87 1.42
C THR A 129 -7.07 0.92 2.43
N SER A 130 -6.41 -0.23 2.64
CA SER A 130 -6.86 -1.17 3.65
C SER A 130 -6.97 -0.54 5.03
N ALA A 131 -6.20 0.53 5.28
CA ALA A 131 -6.17 1.13 6.61
C ALA A 131 -7.40 1.96 6.91
N ASN A 132 -8.05 2.54 5.89
CA ASN A 132 -9.17 3.44 6.14
C ASN A 132 -10.43 3.06 5.37
N ALA A 133 -10.44 1.90 4.71
CA ALA A 133 -11.56 1.60 3.82
C ALA A 133 -12.89 1.55 4.57
N VAL A 134 -12.92 0.89 5.72
CA VAL A 134 -14.13 0.83 6.52
C VAL A 134 -14.56 2.22 6.96
N GLU A 135 -13.62 2.99 7.50
CA GLU A 135 -13.94 4.31 8.02
C GLU A 135 -14.52 5.20 6.94
N VAL A 136 -13.94 5.16 5.74
CA VAL A 136 -14.39 6.02 4.66
C VAL A 136 -15.74 5.55 4.11
N VAL A 137 -15.87 4.26 3.83
CA VAL A 137 -17.11 3.75 3.23
C VAL A 137 -18.29 3.95 4.18
N LYS A 138 -18.06 3.80 5.50
CA LYS A 138 -19.14 3.99 6.47
C LYS A 138 -19.65 5.42 6.44
N LYS A 139 -18.78 6.39 6.15
CA LYS A 139 -19.18 7.79 6.12
C LYS A 139 -19.92 8.17 4.85
N LEU A 140 -19.83 7.35 3.80
CA LEU A 140 -20.52 7.67 2.55
C LEU A 140 -22.02 7.42 2.69
N ASP A 141 -22.82 8.35 2.15
CA ASP A 141 -24.27 8.27 2.29
C ASP A 141 -24.88 7.57 1.06
N SER A 142 -24.55 6.28 0.94
CA SER A 142 -25.16 5.40 -0.03
C SER A 142 -25.10 3.99 0.52
N ASP A 143 -26.14 3.20 0.24
N ASP A 143 -26.11 3.17 0.26
CA ASP A 143 -26.20 1.79 0.63
CA ASP A 143 -26.04 1.79 0.70
C ASP A 143 -25.38 0.90 -0.29
C ASP A 143 -25.50 0.84 -0.36
N VAL A 144 -25.09 1.36 -1.51
CA VAL A 144 -24.37 0.60 -2.52
C VAL A 144 -23.12 1.39 -2.89
N VAL A 145 -21.98 0.70 -2.93
CA VAL A 145 -20.68 1.33 -3.20
C VAL A 145 -19.96 0.50 -4.26
N ILE A 146 -19.43 1.18 -5.28
CA ILE A 146 -18.52 0.57 -6.24
C ILE A 146 -17.11 0.63 -5.65
N PHE A 147 -16.42 -0.50 -5.59
CA PHE A 147 -15.21 -0.60 -4.79
C PHE A 147 -14.19 -1.50 -5.47
N GLY A 148 -12.93 -1.08 -5.50
CA GLY A 148 -11.90 -1.95 -6.02
C GLY A 148 -10.50 -1.39 -5.90
N PRO A 149 -9.51 -2.13 -6.40
CA PRO A 149 -9.68 -3.39 -7.14
C PRO A 149 -9.85 -4.68 -6.33
N ASP A 150 -9.70 -4.64 -5.01
N ASP A 150 -9.60 -4.64 -5.02
CA ASP A 150 -9.51 -5.86 -4.22
CA ASP A 150 -9.52 -5.88 -4.26
C ASP A 150 -10.84 -6.42 -3.70
C ASP A 150 -10.90 -6.36 -3.84
N LYS A 151 -11.23 -7.59 -4.22
CA LYS A 151 -12.51 -8.18 -3.83
C LYS A 151 -12.49 -8.71 -2.39
N ASN A 152 -11.31 -9.02 -1.85
CA ASN A 152 -11.24 -9.52 -0.48
C ASN A 152 -11.39 -8.37 0.50
N LEU A 153 -10.75 -7.24 0.22
CA LEU A 153 -11.00 -6.04 1.03
C LEU A 153 -12.45 -5.60 0.88
N ALA A 154 -13.01 -5.69 -0.32
CA ALA A 154 -14.42 -5.34 -0.50
C ALA A 154 -15.31 -6.20 0.38
N HIS A 155 -15.01 -7.50 0.47
CA HIS A 155 -15.83 -8.39 1.29
C HIS A 155 -15.75 -7.99 2.75
N TYR A 156 -14.54 -7.64 3.21
CA TYR A 156 -14.36 -7.20 4.60
C TYR A 156 -15.12 -5.91 4.86
N VAL A 157 -15.05 -4.97 3.92
CA VAL A 157 -15.79 -3.70 4.04
C VAL A 157 -17.29 -3.95 4.11
N ALA A 158 -17.81 -4.84 3.25
CA ALA A 158 -19.23 -5.19 3.32
C ALA A 158 -19.60 -5.74 4.69
N LYS A 159 -18.73 -6.60 5.24
CA LYS A 159 -18.99 -7.21 6.54
C LYS A 159 -19.02 -6.17 7.64
N MET A 160 -18.11 -5.20 7.61
CA MET A 160 -17.98 -4.21 8.67
C MET A 160 -18.93 -3.03 8.54
N THR A 161 -19.44 -2.75 7.34
CA THR A 161 -20.36 -1.63 7.18
C THR A 161 -21.80 -2.04 6.97
N GLY A 162 -22.05 -3.28 6.53
CA GLY A 162 -23.39 -3.71 6.19
C GLY A 162 -23.89 -3.21 4.85
N LYS A 163 -23.05 -2.56 4.07
CA LYS A 163 -23.46 -2.03 2.79
C LYS A 163 -23.20 -3.05 1.69
N LYS A 164 -23.84 -2.83 0.53
CA LYS A 164 -23.62 -3.68 -0.63
C LYS A 164 -22.41 -3.14 -1.37
N ILE A 165 -21.38 -3.97 -1.50
CA ILE A 165 -20.12 -3.54 -2.07
C ILE A 165 -19.94 -4.27 -3.40
N ILE A 166 -19.91 -3.51 -4.49
CA ILE A 166 -19.77 -4.06 -5.84
C ILE A 166 -18.28 -4.06 -6.18
N PRO A 167 -17.61 -5.21 -6.23
CA PRO A 167 -16.17 -5.22 -6.53
C PRO A 167 -15.90 -5.02 -8.01
N VAL A 168 -15.00 -4.08 -8.32
CA VAL A 168 -14.51 -3.85 -9.68
C VAL A 168 -12.99 -4.00 -9.71
N PRO A 169 -12.47 -4.90 -10.56
CA PRO A 169 -13.17 -5.89 -11.36
C PRO A 169 -13.57 -7.05 -10.45
N SER A 170 -14.48 -7.93 -10.91
CA SER A 170 -15.05 -8.91 -10.01
C SER A 170 -14.01 -9.86 -9.42
N LYS A 171 -12.90 -10.07 -10.13
CA LYS A 171 -11.87 -11.01 -9.68
C LYS A 171 -10.65 -10.31 -9.10
N GLY A 172 -10.70 -9.00 -8.87
CA GLY A 172 -9.51 -8.28 -8.47
C GLY A 172 -9.02 -8.72 -7.10
N HIS A 173 -7.70 -8.80 -6.95
CA HIS A 173 -7.10 -9.25 -5.70
C HIS A 173 -5.60 -8.99 -5.75
N CYS A 174 -4.98 -9.10 -4.58
CA CYS A 174 -3.53 -9.05 -4.43
C CYS A 174 -3.03 -10.49 -4.29
N TYR A 175 -2.24 -10.95 -5.27
CA TYR A 175 -1.76 -12.33 -5.26
C TYR A 175 -0.96 -12.65 -4.00
N VAL A 176 -0.24 -11.68 -3.44
CA VAL A 176 0.54 -11.96 -2.24
C VAL A 176 -0.36 -12.40 -1.11
N HIS A 177 -1.43 -11.64 -0.87
CA HIS A 177 -2.36 -11.94 0.21
C HIS A 177 -3.27 -13.13 -0.11
N GLN A 178 -3.61 -13.32 -1.39
N GLN A 178 -3.54 -13.38 -1.39
CA GLN A 178 -4.46 -14.43 -1.78
CA GLN A 178 -4.27 -14.60 -1.73
C GLN A 178 -3.82 -15.77 -1.43
C GLN A 178 -3.45 -15.86 -1.56
N LYS A 179 -2.48 -15.83 -1.40
N LYS A 179 -2.15 -15.75 -1.31
CA LYS A 179 -1.78 -17.09 -1.19
CA LYS A 179 -1.33 -16.95 -1.04
C LYS A 179 -2.14 -17.73 0.15
C LYS A 179 -1.71 -17.63 0.26
N PHE A 180 -2.35 -16.91 1.18
CA PHE A 180 -2.56 -17.46 2.52
C PHE A 180 -3.79 -18.36 2.56
N THR A 181 -3.64 -19.51 3.23
CA THR A 181 -4.68 -20.53 3.26
C THR A 181 -4.96 -20.92 4.71
N LEU A 182 -6.05 -21.67 4.89
CA LEU A 182 -6.35 -22.20 6.21
C LEU A 182 -5.24 -23.12 6.69
N ASP A 183 -4.53 -23.80 5.77
CA ASP A 183 -3.40 -24.62 6.18
C ASP A 183 -2.30 -23.77 6.79
N ASP A 184 -2.09 -22.56 6.26
CA ASP A 184 -1.09 -21.67 6.83
C ASP A 184 -1.48 -21.25 8.23
N VAL A 185 -2.77 -21.01 8.46
CA VAL A 185 -3.26 -20.73 9.81
C VAL A 185 -2.94 -21.89 10.75
N GLU A 186 -3.27 -23.11 10.31
CA GLU A 186 -3.00 -24.29 11.13
C GLU A 186 -1.53 -24.42 11.47
N ARG A 187 -0.65 -24.25 10.48
CA ARG A 187 0.78 -24.37 10.73
C ARG A 187 1.26 -23.29 11.69
N ALA A 188 0.70 -22.09 11.59
CA ALA A 188 1.12 -21.01 12.49
C ALA A 188 0.75 -21.32 13.94
N LYS A 189 -0.48 -21.82 14.16
CA LYS A 189 -0.87 -22.19 15.52
C LYS A 189 -0.01 -23.34 16.04
N LYS A 190 0.34 -24.28 15.15
CA LYS A 190 1.19 -25.40 15.55
C LYS A 190 2.56 -24.92 16.01
N LEU A 191 3.16 -24.00 15.24
CA LEU A 191 4.53 -23.58 15.50
C LEU A 191 4.62 -22.57 16.64
N HIS A 192 3.63 -21.69 16.77
CA HIS A 192 3.66 -20.62 17.75
C HIS A 192 2.30 -20.57 18.46
N PRO A 193 2.02 -21.55 19.33
CA PRO A 193 0.67 -21.65 19.91
C PRO A 193 0.28 -20.47 20.78
N ASN A 194 1.25 -19.76 21.35
CA ASN A 194 0.96 -18.60 22.17
C ASN A 194 0.97 -17.29 21.39
N ALA A 195 1.28 -17.35 20.10
CA ALA A 195 1.24 -16.15 19.27
C ALA A 195 -0.18 -15.86 18.85
N LYS A 196 -0.49 -14.58 18.70
CA LYS A 196 -1.75 -14.17 18.11
C LYS A 196 -1.52 -13.86 16.63
N LEU A 197 -2.59 -14.01 15.86
CA LEU A 197 -2.50 -13.95 14.40
C LEU A 197 -3.02 -12.59 13.95
N MET A 198 -2.15 -11.79 13.34
CA MET A 198 -2.56 -10.54 12.71
C MET A 198 -2.69 -10.80 11.20
N ILE A 199 -3.89 -10.59 10.68
CA ILE A 199 -4.24 -11.00 9.32
C ILE A 199 -4.72 -9.79 8.56
N HIS A 200 -4.14 -9.57 7.38
CA HIS A 200 -4.46 -8.42 6.56
C HIS A 200 -5.83 -8.61 5.90
N PRO A 201 -6.62 -7.53 5.75
CA PRO A 201 -7.94 -7.68 5.15
C PRO A 201 -7.94 -7.96 3.65
N GLU A 202 -6.78 -8.02 3.00
CA GLU A 202 -6.71 -8.50 1.62
C GLU A 202 -6.56 -10.02 1.53
N CYS A 203 -6.45 -10.70 2.66
CA CYS A 203 -6.51 -12.16 2.66
C CYS A 203 -7.94 -12.61 2.40
N ILE A 204 -8.10 -13.87 2.02
CA ILE A 204 -9.43 -14.37 1.66
C ILE A 204 -10.31 -14.40 2.91
N PRO A 205 -11.64 -14.31 2.75
CA PRO A 205 -12.50 -14.22 3.94
C PRO A 205 -12.33 -15.36 4.93
N GLU A 206 -12.13 -16.59 4.48
CA GLU A 206 -12.06 -17.70 5.44
C GLU A 206 -10.79 -17.63 6.28
N VAL A 207 -9.71 -17.08 5.73
CA VAL A 207 -8.50 -16.83 6.51
C VAL A 207 -8.72 -15.66 7.47
N GLN A 208 -9.39 -14.61 7.00
CA GLN A 208 -9.72 -13.49 7.88
C GLN A 208 -10.49 -13.96 9.10
N GLU A 209 -11.37 -14.95 8.92
CA GLU A 209 -12.20 -15.41 10.03
C GLU A 209 -11.40 -16.14 11.11
N LYS A 210 -10.18 -16.57 10.81
CA LYS A 210 -9.32 -17.20 11.80
C LYS A 210 -8.48 -16.21 12.57
N ALA A 211 -8.54 -14.93 12.23
CA ALA A 211 -7.61 -13.95 12.78
C ALA A 211 -7.91 -13.69 14.26
N ASP A 212 -6.84 -13.39 15.00
CA ASP A 212 -7.04 -12.76 16.30
C ASP A 212 -7.34 -11.28 16.11
N ILE A 213 -6.62 -10.64 15.18
CA ILE A 213 -6.95 -9.29 14.72
C ILE A 213 -6.89 -9.28 13.21
N ILE A 214 -7.93 -8.73 12.59
CA ILE A 214 -7.86 -8.36 11.18
C ILE A 214 -7.38 -6.92 11.14
N ALA A 215 -6.27 -6.67 10.46
CA ALA A 215 -5.68 -5.35 10.51
C ALA A 215 -4.86 -5.06 9.26
N SER A 216 -4.93 -3.81 8.79
CA SER A 216 -3.98 -3.30 7.83
C SER A 216 -2.58 -3.30 8.44
N THR A 217 -1.55 -3.03 7.62
CA THR A 217 -0.20 -3.01 8.20
C THR A 217 -0.04 -1.88 9.19
N GLY A 218 -0.64 -0.72 8.92
CA GLY A 218 -0.66 0.33 9.93
C GLY A 218 -1.38 -0.10 11.19
N GLY A 219 -2.48 -0.84 11.02
CA GLY A 219 -3.18 -1.38 12.17
C GLY A 219 -2.37 -2.45 12.90
N MET A 220 -1.55 -3.20 12.16
CA MET A 220 -0.66 -4.15 12.81
C MET A 220 0.34 -3.43 13.71
N ILE A 221 0.88 -2.31 13.25
CA ILE A 221 1.79 -1.53 14.07
C ILE A 221 1.07 -0.95 15.28
N LYS A 222 -0.13 -0.41 15.07
CA LYS A 222 -0.85 0.23 16.17
C LYS A 222 -1.29 -0.78 17.23
N ARG A 223 -1.68 -1.98 16.80
CA ARG A 223 -2.23 -2.97 17.72
C ARG A 223 -1.19 -3.98 18.19
N ALA A 224 0.05 -3.86 17.71
CA ALA A 224 1.10 -4.78 18.16
C ALA A 224 1.34 -4.70 19.65
N CYS A 225 1.01 -3.56 20.26
N CYS A 225 1.01 -3.56 20.26
CA CYS A 225 1.16 -3.39 21.71
CA CYS A 225 1.17 -3.40 21.71
C CYS A 225 0.26 -4.33 22.50
C CYS A 225 0.21 -4.27 22.51
N GLU A 226 -0.75 -4.92 21.86
CA GLU A 226 -1.72 -5.76 22.56
C GLU A 226 -1.19 -7.15 22.88
N TRP A 227 -0.04 -7.55 22.35
CA TRP A 227 0.53 -8.86 22.64
C TRP A 227 2.02 -8.80 22.35
N ASP A 228 2.74 -9.81 22.84
CA ASP A 228 4.19 -9.85 22.71
C ASP A 228 4.67 -10.81 21.63
N GLU A 229 3.78 -11.55 20.97
CA GLU A 229 4.17 -12.56 20.00
C GLU A 229 3.10 -12.64 18.93
N TRP A 230 3.49 -12.47 17.67
CA TRP A 230 2.54 -12.37 16.56
C TRP A 230 3.03 -13.17 15.36
N VAL A 231 2.10 -13.86 14.71
CA VAL A 231 2.32 -14.37 13.35
C VAL A 231 1.63 -13.41 12.39
N VAL A 232 2.32 -13.05 11.32
CA VAL A 232 1.96 -11.91 10.48
C VAL A 232 1.54 -12.44 9.10
N PHE A 233 0.25 -12.29 8.78
CA PHE A 233 -0.29 -12.69 7.48
C PHE A 233 -0.32 -11.50 6.53
N THR A 234 0.87 -11.14 6.06
CA THR A 234 1.03 -10.12 5.02
C THR A 234 2.38 -10.35 4.38
N GLU A 235 2.76 -9.45 3.47
CA GLU A 235 4.02 -9.57 2.76
C GLU A 235 5.17 -9.67 3.76
N ARG A 236 6.11 -10.58 3.48
CA ARG A 236 7.07 -11.01 4.50
C ARG A 236 7.97 -9.89 5.01
N GLU A 237 8.24 -8.85 4.21
CA GLU A 237 9.12 -7.80 4.69
C GLU A 237 8.48 -7.00 5.82
N MET A 238 7.16 -7.05 5.98
CA MET A 238 6.54 -6.41 7.13
C MET A 238 7.07 -6.97 8.44
N VAL A 239 7.48 -8.25 8.45
CA VAL A 239 8.05 -8.82 9.67
C VAL A 239 9.32 -8.07 10.09
N TYR A 240 10.16 -7.70 9.13
CA TYR A 240 11.34 -6.90 9.46
C TYR A 240 10.95 -5.54 10.03
N ARG A 241 9.96 -4.89 9.39
CA ARG A 241 9.51 -3.59 9.88
C ARG A 241 9.02 -3.69 11.32
N LEU A 242 8.22 -4.71 11.63
CA LEU A 242 7.70 -4.87 12.98
C LEU A 242 8.81 -5.19 13.98
N ARG A 243 9.77 -6.04 13.58
CA ARG A 243 10.88 -6.36 14.48
C ARG A 243 11.71 -5.14 14.80
N LYS A 244 11.87 -4.23 13.82
CA LYS A 244 12.64 -3.02 14.02
C LYS A 244 11.91 -2.06 14.96
N LEU A 245 10.60 -1.95 14.80
CA LEU A 245 9.83 -1.04 15.64
C LEU A 245 9.77 -1.55 17.07
N TYR A 246 9.65 -2.87 17.25
CA TYR A 246 9.40 -3.49 18.55
C TYR A 246 10.43 -4.58 18.81
N PRO A 247 11.68 -4.20 19.13
CA PRO A 247 12.72 -5.22 19.33
C PRO A 247 12.42 -6.18 20.47
N GLN A 248 11.52 -5.81 21.39
N GLN A 248 11.54 -5.84 21.42
CA GLN A 248 11.20 -6.63 22.55
CA GLN A 248 11.25 -6.72 22.53
C GLN A 248 10.14 -7.69 22.25
C GLN A 248 10.00 -7.57 22.32
N LYS A 249 9.48 -7.62 21.10
CA LYS A 249 8.41 -8.53 20.73
C LYS A 249 8.93 -9.56 19.74
N LYS A 250 8.13 -10.58 19.47
CA LYS A 250 8.47 -11.59 18.47
C LYS A 250 7.46 -11.53 17.35
N PHE A 251 7.95 -11.57 16.11
CA PHE A 251 7.11 -11.59 14.93
C PHE A 251 7.59 -12.68 13.98
N TYR A 252 6.65 -13.43 13.41
CA TYR A 252 6.97 -14.52 12.50
C TYR A 252 6.13 -14.38 11.24
N PRO A 253 6.72 -14.60 10.06
CA PRO A 253 5.92 -14.58 8.83
C PRO A 253 5.01 -15.79 8.79
N ALA A 254 3.78 -15.57 8.31
CA ALA A 254 2.87 -16.69 8.06
C ALA A 254 3.40 -17.59 6.95
N ARG A 255 4.07 -17.01 5.96
N ARG A 255 4.07 -17.01 5.96
CA ARG A 255 4.70 -17.74 4.86
CA ARG A 255 4.71 -17.78 4.89
C ARG A 255 6.02 -17.07 4.52
C ARG A 255 6.01 -17.09 4.50
N GLU A 256 7.09 -17.87 4.44
CA GLU A 256 8.36 -17.31 4.01
C GLU A 256 8.36 -16.87 2.54
N ASP A 257 7.45 -17.43 1.71
CA ASP A 257 7.42 -17.15 0.29
C ASP A 257 6.42 -16.07 -0.10
N ALA A 258 5.84 -15.35 0.87
CA ALA A 258 4.84 -14.34 0.58
C ALA A 258 5.55 -13.03 0.26
N PHE A 259 5.90 -12.83 -1.00
CA PHE A 259 6.63 -11.63 -1.37
C PHE A 259 6.03 -11.01 -2.63
N CYS A 260 6.09 -9.68 -2.69
CA CYS A 260 5.62 -8.91 -3.84
C CYS A 260 6.80 -8.67 -4.78
N ILE A 261 6.76 -9.32 -5.95
CA ILE A 261 7.82 -9.16 -6.94
C ILE A 261 7.98 -7.70 -7.32
N GLY A 262 6.86 -6.97 -7.47
CA GLY A 262 6.94 -5.58 -7.86
C GLY A 262 7.69 -4.72 -6.85
N MET A 263 7.40 -4.91 -5.57
CA MET A 263 8.11 -4.16 -4.54
C MET A 263 9.61 -4.40 -4.62
N LYS A 264 10.02 -5.64 -4.91
CA LYS A 264 11.43 -6.00 -4.92
C LYS A 264 12.13 -5.64 -6.21
N ALA A 265 11.45 -4.94 -7.13
CA ALA A 265 12.15 -4.31 -8.25
C ALA A 265 13.08 -3.19 -7.78
N ILE A 266 12.84 -2.65 -6.59
CA ILE A 266 13.65 -1.56 -6.04
C ILE A 266 14.85 -2.16 -5.34
N THR A 267 16.05 -1.68 -5.68
CA THR A 267 17.28 -2.15 -5.06
C THR A 267 18.11 -0.96 -4.60
N LEU A 268 19.07 -1.21 -3.73
CA LEU A 268 20.01 -0.13 -3.38
C LEU A 268 20.71 0.41 -4.61
N LYS A 269 21.11 -0.49 -5.53
CA LYS A 269 21.83 -0.05 -6.71
C LYS A 269 20.98 0.88 -7.58
N ASN A 270 19.70 0.55 -7.78
CA ASN A 270 18.90 1.43 -8.63
C ASN A 270 18.41 2.69 -7.89
N ILE A 271 18.39 2.67 -6.55
CA ILE A 271 18.20 3.92 -5.82
C ILE A 271 19.41 4.83 -6.03
N TYR A 272 20.62 4.27 -5.95
CA TYR A 272 21.82 5.04 -6.23
C TYR A 272 21.76 5.62 -7.64
N GLU A 273 21.41 4.79 -8.63
CA GLU A 273 21.36 5.26 -10.01
C GLU A 273 20.25 6.28 -10.20
N SER A 274 19.15 6.16 -9.46
N SER A 274 19.14 6.15 -9.47
CA SER A 274 18.04 7.10 -9.54
CA SER A 274 18.06 7.13 -9.57
C SER A 274 18.48 8.50 -9.14
C SER A 274 18.53 8.52 -9.16
N LEU A 275 19.19 8.60 -8.01
CA LEU A 275 19.69 9.89 -7.53
C LEU A 275 20.80 10.41 -8.44
N LYS A 276 21.69 9.53 -8.88
CA LYS A 276 22.83 9.97 -9.67
C LYS A 276 22.38 10.62 -10.97
N ASP A 277 21.39 10.01 -11.64
CA ASP A 277 21.00 10.40 -12.98
C ASP A 277 19.63 11.07 -13.04
N MET A 278 18.98 11.27 -11.90
CA MET A 278 17.67 11.91 -11.83
C MET A 278 16.64 11.16 -12.68
N LYS A 279 16.50 9.86 -12.41
CA LYS A 279 15.57 9.03 -13.18
C LYS A 279 14.92 8.01 -12.24
N TYR A 280 13.80 7.39 -12.62
CA TYR A 280 13.01 7.76 -13.79
C TYR A 280 11.95 8.75 -13.36
N LYS A 281 11.86 9.87 -14.08
CA LYS A 281 10.96 10.94 -13.69
C LYS A 281 9.51 10.51 -13.88
N VAL A 282 8.72 10.69 -12.84
CA VAL A 282 7.31 10.32 -12.83
C VAL A 282 6.48 11.52 -13.25
N GLU A 283 5.61 11.32 -14.24
CA GLU A 283 4.75 12.39 -14.72
C GLU A 283 3.33 11.84 -14.86
N VAL A 284 2.35 12.72 -14.64
CA VAL A 284 0.92 12.39 -14.76
C VAL A 284 0.25 13.51 -15.53
N PRO A 285 -0.52 13.22 -16.57
CA PRO A 285 -1.22 14.28 -17.32
C PRO A 285 -2.12 15.09 -16.40
N GLU A 286 -2.15 16.41 -16.64
CA GLU A 286 -2.76 17.34 -15.67
C GLU A 286 -4.25 17.11 -15.51
N GLU A 287 -4.95 16.80 -16.60
CA GLU A 287 -6.39 16.57 -16.50
C GLU A 287 -6.68 15.37 -15.61
N ILE A 288 -5.94 14.28 -15.78
CA ILE A 288 -6.05 13.13 -14.91
C ILE A 288 -5.61 13.49 -13.49
N ALA A 289 -4.50 14.20 -13.37
CA ALA A 289 -3.93 14.48 -12.05
C ALA A 289 -4.87 15.35 -11.23
N ARG A 290 -5.55 16.31 -11.87
CA ARG A 290 -6.45 17.19 -11.12
C ARG A 290 -7.62 16.40 -10.54
N LYS A 291 -8.20 15.49 -11.32
CA LYS A 291 -9.32 14.71 -10.81
C LYS A 291 -8.87 13.71 -9.74
N ALA A 292 -7.75 13.04 -9.95
CA ALA A 292 -7.26 12.11 -8.94
C ALA A 292 -6.89 12.85 -7.66
N ARG A 293 -6.30 14.04 -7.78
CA ARG A 293 -5.92 14.83 -6.61
C ARG A 293 -7.12 15.11 -5.72
N LYS A 294 -8.28 15.42 -6.32
CA LYS A 294 -9.47 15.68 -5.52
C LYS A 294 -9.85 14.46 -4.68
N ALA A 295 -9.81 13.27 -5.29
CA ALA A 295 -10.21 12.05 -4.58
C ALA A 295 -9.22 11.69 -3.49
N ILE A 296 -7.92 11.89 -3.75
CA ILE A 296 -6.89 11.60 -2.75
C ILE A 296 -6.98 12.58 -1.60
N GLU A 297 -7.08 13.88 -1.91
CA GLU A 297 -7.20 14.88 -0.85
C GLU A 297 -8.46 14.64 -0.02
N ARG A 298 -9.56 14.24 -0.68
CA ARG A 298 -10.78 13.94 0.07
C ARG A 298 -10.56 12.78 1.04
N MET A 299 -9.90 11.72 0.58
CA MET A 299 -9.56 10.60 1.45
C MET A 299 -8.78 11.07 2.68
N LEU A 300 -7.77 11.93 2.47
CA LEU A 300 -6.97 12.40 3.58
C LEU A 300 -7.81 13.24 4.55
N GLU A 301 -8.78 14.00 4.03
CA GLU A 301 -9.66 14.75 4.91
C GLU A 301 -10.53 13.82 5.74
N MET A 302 -11.00 12.72 5.15
CA MET A 302 -11.93 11.81 5.80
C MET A 302 -11.25 10.84 6.75
N SER A 303 -9.92 10.76 6.76
CA SER A 303 -9.21 9.84 7.64
C SER A 303 -8.10 10.56 8.41
#